data_2E4E
#
_entry.id   2E4E
#
_entity_poly.entity_id   1
_entity_poly.type   'polypeptide(L)'
_entity_poly.pdbx_seq_one_letter_code
;GYDPATGTFG
;
_entity_poly.pdbx_strand_id   A
#
# COMPACT_ATOMS: atom_id res chain seq x y z
N GLY A 1 -4.89 4.69 -3.14
CA GLY A 1 -4.35 3.54 -3.92
C GLY A 1 -3.19 2.87 -3.24
N TYR A 2 -2.16 3.65 -2.91
CA TYR A 2 -0.98 3.13 -2.25
C TYR A 2 -1.33 2.54 -0.89
N ASP A 3 -0.87 1.31 -0.66
CA ASP A 3 -1.11 0.62 0.60
C ASP A 3 0.02 0.91 1.58
N PRO A 4 -0.22 1.78 2.57
CA PRO A 4 0.79 2.17 3.56
C PRO A 4 1.07 1.08 4.58
N ALA A 5 0.05 0.30 4.92
CA ALA A 5 0.20 -0.78 5.88
C ALA A 5 1.23 -1.79 5.42
N THR A 6 1.03 -2.32 4.22
CA THR A 6 1.93 -3.29 3.64
C THR A 6 3.06 -2.58 2.88
N GLY A 7 2.76 -1.39 2.38
CA GLY A 7 3.74 -0.63 1.64
C GLY A 7 3.81 -1.00 0.17
N THR A 8 2.66 -1.36 -0.38
CA THR A 8 2.55 -1.74 -1.74
C THR A 8 1.73 -0.69 -2.48
N PHE A 9 0.86 -1.18 -3.33
CA PHE A 9 -0.01 -0.34 -4.12
C PHE A 9 -1.40 -0.93 -4.26
N GLY A 10 -1.62 -1.95 -3.49
CA GLY A 10 -2.90 -2.64 -3.49
C GLY A 10 -2.84 -3.98 -2.78
N GLY A 1 -5.07 4.37 -3.00
CA GLY A 1 -4.06 3.82 -3.95
C GLY A 1 -2.95 3.08 -3.25
N TYR A 2 -1.88 3.78 -2.92
CA TYR A 2 -0.74 3.19 -2.24
C TYR A 2 -1.16 2.59 -0.90
N ASP A 3 -0.77 1.33 -0.69
CA ASP A 3 -1.09 0.65 0.56
C ASP A 3 0.01 0.93 1.58
N PRO A 4 -0.25 1.79 2.58
CA PRO A 4 0.74 2.15 3.60
C PRO A 4 1.01 1.04 4.59
N ALA A 5 -0.02 0.24 4.88
CA ALA A 5 0.10 -0.85 5.82
C ALA A 5 1.18 -1.84 5.37
N THR A 6 1.05 -2.32 4.15
CA THR A 6 1.99 -3.27 3.59
C THR A 6 3.10 -2.52 2.85
N GLY A 7 2.78 -1.33 2.36
CA GLY A 7 3.76 -0.54 1.65
C GLY A 7 3.83 -0.87 0.17
N THR A 8 2.70 -1.26 -0.38
CA THR A 8 2.59 -1.62 -1.75
C THR A 8 1.59 -0.69 -2.43
N PHE A 9 0.77 -1.27 -3.27
CA PHE A 9 -0.25 -0.54 -4.01
C PHE A 9 -1.60 -1.22 -3.87
N GLY A 10 -1.62 -2.21 -3.04
CA GLY A 10 -2.83 -2.97 -2.79
C GLY A 10 -2.58 -4.22 -1.96
N GLY A 1 -3.66 4.27 -5.30
CA GLY A 1 -4.03 3.89 -3.92
C GLY A 1 -2.94 3.13 -3.22
N TYR A 2 -1.85 3.82 -2.89
CA TYR A 2 -0.72 3.21 -2.21
C TYR A 2 -1.15 2.62 -0.87
N ASP A 3 -0.80 1.36 -0.65
CA ASP A 3 -1.11 0.67 0.59
C ASP A 3 0.00 0.93 1.61
N PRO A 4 -0.26 1.81 2.60
CA PRO A 4 0.74 2.15 3.62
C PRO A 4 1.01 1.04 4.61
N ALA A 5 -0.01 0.24 4.90
CA ALA A 5 0.12 -0.86 5.84
C ALA A 5 1.19 -1.85 5.37
N THR A 6 1.04 -2.32 4.14
CA THR A 6 1.98 -3.26 3.57
C THR A 6 3.09 -2.51 2.84
N GLY A 7 2.76 -1.31 2.34
CA GLY A 7 3.73 -0.50 1.63
C GLY A 7 3.81 -0.85 0.16
N THR A 8 2.69 -1.26 -0.39
CA THR A 8 2.60 -1.63 -1.76
C THR A 8 1.60 -0.72 -2.47
N PHE A 9 0.79 -1.32 -3.30
CA PHE A 9 -0.22 -0.61 -4.06
C PHE A 9 -1.55 -1.35 -4.02
N GLY A 10 -1.57 -2.37 -3.22
CA GLY A 10 -2.77 -3.18 -3.06
C GLY A 10 -2.67 -4.49 -3.82
N GLY A 1 -5.03 4.46 -3.08
CA GLY A 1 -4.26 3.56 -3.99
C GLY A 1 -3.10 2.89 -3.30
N TYR A 2 -2.10 3.68 -2.93
CA TYR A 2 -0.92 3.15 -2.26
C TYR A 2 -1.29 2.54 -0.91
N ASP A 3 -0.82 1.32 -0.68
CA ASP A 3 -1.08 0.63 0.57
C ASP A 3 0.03 0.92 1.57
N PRO A 4 -0.23 1.78 2.56
CA PRO A 4 0.77 2.17 3.56
C PRO A 4 1.05 1.07 4.59
N ALA A 5 0.02 0.29 4.90
CA ALA A 5 0.16 -0.80 5.86
C ALA A 5 1.20 -1.81 5.40
N THR A 6 1.03 -2.31 4.19
CA THR A 6 1.95 -3.28 3.62
C THR A 6 3.07 -2.57 2.87
N GLY A 7 2.79 -1.37 2.38
CA GLY A 7 3.76 -0.61 1.64
C GLY A 7 3.82 -0.97 0.18
N THR A 8 2.68 -1.34 -0.37
CA THR A 8 2.56 -1.70 -1.74
C THR A 8 1.69 -0.69 -2.46
N PHE A 9 0.82 -1.20 -3.29
CA PHE A 9 -0.09 -0.38 -4.05
C PHE A 9 -1.46 -1.02 -4.16
N GLY A 10 -1.63 -2.06 -3.39
CA GLY A 10 -2.89 -2.79 -3.37
C GLY A 10 -3.97 -2.04 -2.63
N GLY A 1 -4.02 3.99 -5.32
CA GLY A 1 -4.29 3.72 -3.89
C GLY A 1 -3.13 3.00 -3.21
N TYR A 2 -2.10 3.75 -2.87
CA TYR A 2 -0.93 3.19 -2.21
C TYR A 2 -1.29 2.58 -0.86
N ASP A 3 -0.87 1.35 -0.65
CA ASP A 3 -1.13 0.66 0.60
C ASP A 3 0.00 0.93 1.60
N PRO A 4 -0.24 1.80 2.60
CA PRO A 4 0.78 2.17 3.59
C PRO A 4 1.06 1.07 4.59
N ALA A 5 0.03 0.29 4.92
CA ALA A 5 0.17 -0.80 5.88
C ALA A 5 1.22 -1.81 5.40
N THR A 6 1.03 -2.31 4.19
CA THR A 6 1.93 -3.27 3.61
C THR A 6 3.06 -2.56 2.86
N GLY A 7 2.76 -1.36 2.36
CA GLY A 7 3.74 -0.59 1.64
C GLY A 7 3.83 -0.97 0.17
N THR A 8 2.69 -1.34 -0.40
CA THR A 8 2.60 -1.72 -1.76
C THR A 8 1.71 -0.73 -2.49
N PHE A 9 0.86 -1.25 -3.34
CA PHE A 9 -0.05 -0.46 -4.13
C PHE A 9 -1.41 -1.15 -4.26
N GLY A 10 -1.56 -2.20 -3.50
CA GLY A 10 -2.79 -2.97 -3.51
C GLY A 10 -3.59 -2.81 -2.23
N GLY A 1 -4.43 3.26 -5.42
CA GLY A 1 -4.45 3.45 -3.94
C GLY A 1 -3.26 2.81 -3.26
N TYR A 2 -2.27 3.61 -2.92
CA TYR A 2 -1.08 3.12 -2.25
C TYR A 2 -1.41 2.52 -0.90
N ASP A 3 -0.92 1.31 -0.65
CA ASP A 3 -1.14 0.63 0.61
C ASP A 3 0.00 0.92 1.57
N PRO A 4 -0.22 1.80 2.57
CA PRO A 4 0.82 2.18 3.53
C PRO A 4 1.10 1.09 4.56
N ALA A 5 0.08 0.33 4.91
CA ALA A 5 0.23 -0.75 5.88
C ALA A 5 1.25 -1.78 5.40
N THR A 6 1.01 -2.32 4.22
CA THR A 6 1.90 -3.30 3.64
C THR A 6 3.03 -2.62 2.88
N GLY A 7 2.77 -1.41 2.39
CA GLY A 7 3.76 -0.67 1.67
C GLY A 7 3.83 -1.04 0.19
N THR A 8 2.68 -1.37 -0.37
CA THR A 8 2.56 -1.75 -1.72
C THR A 8 1.77 -0.70 -2.48
N PHE A 9 0.90 -1.15 -3.33
CA PHE A 9 0.05 -0.28 -4.12
C PHE A 9 -1.36 -0.82 -4.23
N GLY A 10 -1.62 -1.82 -3.44
CA GLY A 10 -2.92 -2.46 -3.41
C GLY A 10 -3.09 -3.47 -4.52
N GLY A 1 -4.31 3.57 -5.37
CA GLY A 1 -4.44 3.56 -3.87
C GLY A 1 -3.26 2.88 -3.20
N TYR A 2 -2.23 3.67 -2.89
CA TYR A 2 -1.04 3.14 -2.24
C TYR A 2 -1.38 2.56 -0.88
N ASP A 3 -0.91 1.33 -0.65
CA ASP A 3 -1.14 0.65 0.61
C ASP A 3 0.00 0.93 1.58
N PRO A 4 -0.23 1.80 2.59
CA PRO A 4 0.80 2.18 3.55
C PRO A 4 1.10 1.08 4.56
N ALA A 5 0.07 0.31 4.92
CA ALA A 5 0.22 -0.76 5.88
C ALA A 5 1.25 -1.78 5.39
N THR A 6 1.01 -2.32 4.21
CA THR A 6 1.90 -3.29 3.62
C THR A 6 3.04 -2.60 2.87
N GLY A 7 2.75 -1.40 2.38
CA GLY A 7 3.75 -0.63 1.65
C GLY A 7 3.82 -1.02 0.19
N THR A 8 2.69 -1.36 -0.37
CA THR A 8 2.58 -1.75 -1.73
C THR A 8 1.76 -0.70 -2.49
N PHE A 9 0.90 -1.19 -3.34
CA PHE A 9 0.04 -0.34 -4.14
C PHE A 9 -1.35 -0.93 -4.28
N GLY A 10 -1.59 -1.96 -3.49
CA GLY A 10 -2.87 -2.64 -3.49
C GLY A 10 -2.75 -4.09 -3.91
N GLY A 1 -5.36 3.16 -3.79
CA GLY A 1 -4.03 3.76 -4.05
C GLY A 1 -2.91 3.03 -3.34
N TYR A 2 -1.86 3.76 -2.96
CA TYR A 2 -0.72 3.17 -2.27
C TYR A 2 -1.14 2.57 -0.93
N ASP A 3 -0.76 1.33 -0.71
CA ASP A 3 -1.07 0.63 0.52
C ASP A 3 0.03 0.91 1.55
N PRO A 4 -0.25 1.78 2.55
CA PRO A 4 0.73 2.16 3.57
C PRO A 4 1.00 1.05 4.58
N ALA A 5 -0.02 0.24 4.86
CA ALA A 5 0.11 -0.86 5.80
C ALA A 5 1.18 -1.84 5.36
N THR A 6 1.05 -2.34 4.15
CA THR A 6 2.00 -3.28 3.59
C THR A 6 3.11 -2.54 2.85
N GLY A 7 2.80 -1.34 2.38
CA GLY A 7 3.77 -0.54 1.66
C GLY A 7 3.83 -0.86 0.19
N THR A 8 2.70 -1.25 -0.36
CA THR A 8 2.58 -1.60 -1.73
C THR A 8 1.58 -0.67 -2.41
N PHE A 9 0.75 -1.25 -3.23
CA PHE A 9 -0.28 -0.52 -3.94
C PHE A 9 -1.64 -1.17 -3.80
N GLY A 10 -1.66 -2.17 -2.96
CA GLY A 10 -2.88 -2.92 -2.70
C GLY A 10 -3.07 -4.05 -3.68
N GLY A 1 -4.54 3.62 -5.19
CA GLY A 1 -4.54 3.74 -3.71
C GLY A 1 -3.37 3.03 -3.07
N TYR A 2 -2.32 3.78 -2.78
CA TYR A 2 -1.11 3.22 -2.17
C TYR A 2 -1.44 2.63 -0.80
N ASP A 3 -1.00 1.39 -0.60
CA ASP A 3 -1.22 0.70 0.67
C ASP A 3 -0.05 0.97 1.61
N PRO A 4 -0.24 1.84 2.61
CA PRO A 4 0.82 2.20 3.56
C PRO A 4 1.12 1.09 4.57
N ALA A 5 0.09 0.34 4.93
CA ALA A 5 0.25 -0.75 5.89
C ALA A 5 1.24 -1.79 5.37
N THR A 6 0.98 -2.30 4.18
CA THR A 6 1.83 -3.29 3.57
C THR A 6 2.99 -2.62 2.84
N GLY A 7 2.74 -1.41 2.35
CA GLY A 7 3.76 -0.66 1.65
C GLY A 7 3.88 -1.04 0.19
N THR A 8 2.75 -1.39 -0.41
CA THR A 8 2.68 -1.77 -1.77
C THR A 8 1.82 -0.76 -2.52
N PHE A 9 0.99 -1.28 -3.39
CA PHE A 9 0.09 -0.46 -4.19
C PHE A 9 -1.27 -1.11 -4.33
N GLY A 10 -1.47 -2.14 -3.54
CA GLY A 10 -2.72 -2.87 -3.55
C GLY A 10 -2.59 -4.25 -2.95
N GLY A 1 -4.72 5.29 -3.07
CA GLY A 1 -4.59 3.91 -3.60
C GLY A 1 -3.42 3.16 -2.97
N TYR A 2 -2.34 3.88 -2.72
CA TYR A 2 -1.14 3.28 -2.12
C TYR A 2 -1.46 2.69 -0.75
N ASP A 3 -1.06 1.44 -0.56
CA ASP A 3 -1.28 0.75 0.71
C ASP A 3 -0.09 1.00 1.64
N PRO A 4 -0.24 1.87 2.65
CA PRO A 4 0.83 2.20 3.58
C PRO A 4 1.14 1.09 4.56
N ALA A 5 0.11 0.34 4.95
CA ALA A 5 0.28 -0.75 5.88
C ALA A 5 1.24 -1.80 5.33
N THR A 6 0.93 -2.30 4.15
CA THR A 6 1.76 -3.29 3.49
C THR A 6 2.95 -2.62 2.80
N GLY A 7 2.73 -1.40 2.33
CA GLY A 7 3.78 -0.65 1.66
C GLY A 7 3.92 -1.02 0.20
N THR A 8 2.81 -1.38 -0.42
CA THR A 8 2.78 -1.76 -1.79
C THR A 8 1.85 -0.80 -2.53
N PHE A 9 1.06 -1.36 -3.40
CA PHE A 9 0.11 -0.61 -4.20
C PHE A 9 -1.22 -1.33 -4.34
N GLY A 10 -1.34 -2.38 -3.55
CA GLY A 10 -2.55 -3.18 -3.56
C GLY A 10 -2.42 -4.43 -2.70
N GLY A 1 -4.73 3.66 -5.06
CA GLY A 1 -4.61 3.90 -3.59
C GLY A 1 -3.45 3.16 -2.98
N TYR A 2 -2.36 3.89 -2.71
CA TYR A 2 -1.16 3.29 -2.11
C TYR A 2 -1.48 2.69 -0.75
N ASP A 3 -1.08 1.45 -0.56
CA ASP A 3 -1.29 0.76 0.71
C ASP A 3 -0.09 1.01 1.63
N PRO A 4 -0.24 1.88 2.64
CA PRO A 4 0.83 2.21 3.56
C PRO A 4 1.15 1.09 4.55
N ALA A 5 0.12 0.34 4.94
CA ALA A 5 0.29 -0.76 5.88
C ALA A 5 1.24 -1.81 5.32
N THR A 6 0.92 -2.29 4.12
CA THR A 6 1.72 -3.29 3.46
C THR A 6 2.92 -2.63 2.78
N GLY A 7 2.74 -1.40 2.33
CA GLY A 7 3.80 -0.67 1.67
C GLY A 7 3.95 -1.03 0.21
N THR A 8 2.84 -1.37 -0.41
CA THR A 8 2.81 -1.74 -1.78
C THR A 8 1.86 -0.80 -2.52
N PHE A 9 1.07 -1.37 -3.39
CA PHE A 9 0.11 -0.63 -4.18
C PHE A 9 -1.21 -1.37 -4.30
N GLY A 10 -1.31 -2.41 -3.52
CA GLY A 10 -2.51 -3.23 -3.51
C GLY A 10 -2.49 -4.29 -2.43
N GLY A 1 -4.07 4.56 -4.97
CA GLY A 1 -4.48 3.74 -3.79
C GLY A 1 -3.31 3.03 -3.14
N TYR A 2 -2.27 3.78 -2.83
CA TYR A 2 -1.08 3.22 -2.20
C TYR A 2 -1.42 2.62 -0.84
N ASP A 3 -0.97 1.39 -0.63
CA ASP A 3 -1.20 0.70 0.63
C ASP A 3 -0.04 0.97 1.59
N PRO A 4 -0.23 1.84 2.60
CA PRO A 4 0.81 2.20 3.55
C PRO A 4 1.11 1.08 4.55
N ALA A 5 0.08 0.32 4.90
CA ALA A 5 0.24 -0.77 5.86
C ALA A 5 1.23 -1.80 5.35
N THR A 6 0.97 -2.31 4.16
CA THR A 6 1.81 -3.30 3.53
C THR A 6 3.00 -2.62 2.83
N GLY A 7 2.76 -1.40 2.36
CA GLY A 7 3.80 -0.65 1.68
C GLY A 7 3.91 -1.01 0.21
N THR A 8 2.79 -1.36 -0.38
CA THR A 8 2.71 -1.71 -1.75
C THR A 8 1.79 -0.73 -2.47
N PHE A 9 0.97 -1.28 -3.32
CA PHE A 9 0.02 -0.50 -4.10
C PHE A 9 -1.33 -1.19 -4.19
N GLY A 10 -1.46 -2.22 -3.40
CA GLY A 10 -2.69 -3.00 -3.36
C GLY A 10 -3.66 -2.51 -2.31
N GLY A 1 -4.85 2.87 -5.33
CA GLY A 1 -4.12 3.73 -4.36
C GLY A 1 -3.04 2.96 -3.62
N TYR A 2 -2.14 3.70 -2.96
CA TYR A 2 -1.05 3.08 -2.22
C TYR A 2 -1.57 2.40 -0.96
N ASP A 3 -0.82 1.42 -0.49
CA ASP A 3 -1.17 0.69 0.70
C ASP A 3 -0.07 0.83 1.76
N PRO A 4 -0.07 1.96 2.50
CA PRO A 4 0.94 2.22 3.52
C PRO A 4 1.06 1.09 4.54
N ALA A 5 -0.02 0.33 4.71
CA ALA A 5 -0.02 -0.78 5.65
C ALA A 5 1.05 -1.81 5.30
N THR A 6 0.99 -2.30 4.07
CA THR A 6 1.95 -3.28 3.60
C THR A 6 3.11 -2.61 2.89
N GLY A 7 2.87 -1.42 2.36
CA GLY A 7 3.90 -0.68 1.66
C GLY A 7 3.94 -1.01 0.19
N THR A 8 2.80 -1.34 -0.37
CA THR A 8 2.66 -1.68 -1.74
C THR A 8 1.74 -0.68 -2.42
N PHE A 9 0.87 -1.19 -3.25
CA PHE A 9 -0.08 -0.38 -3.98
C PHE A 9 -1.46 -1.02 -3.99
N GLY A 10 -1.60 -2.04 -3.18
CA GLY A 10 -2.85 -2.76 -3.07
C GLY A 10 -2.81 -3.83 -2.01
N GLY A 1 -5.30 3.09 -4.23
CA GLY A 1 -4.19 3.97 -3.77
C GLY A 1 -3.08 3.20 -3.09
N TYR A 2 -1.98 3.89 -2.79
CA TYR A 2 -0.84 3.26 -2.14
C TYR A 2 -1.23 2.67 -0.79
N ASP A 3 -0.89 1.40 -0.59
CA ASP A 3 -1.18 0.72 0.67
C ASP A 3 -0.04 0.98 1.66
N PRO A 4 -0.26 1.86 2.65
CA PRO A 4 0.77 2.20 3.64
C PRO A 4 1.06 1.07 4.61
N ALA A 5 0.04 0.29 4.93
CA ALA A 5 0.18 -0.83 5.85
C ALA A 5 1.20 -1.84 5.31
N THR A 6 0.96 -2.31 4.09
CA THR A 6 1.83 -3.27 3.45
C THR A 6 2.99 -2.55 2.76
N GLY A 7 2.73 -1.32 2.32
CA GLY A 7 3.74 -0.54 1.65
C GLY A 7 3.89 -0.88 0.18
N THR A 8 2.77 -1.27 -0.42
CA THR A 8 2.73 -1.62 -1.79
C THR A 8 1.69 -0.77 -2.51
N PHE A 9 0.92 -1.41 -3.35
CA PHE A 9 -0.13 -0.75 -4.11
C PHE A 9 -1.41 -1.55 -4.07
N GLY A 10 -1.38 -2.58 -3.27
CA GLY A 10 -2.53 -3.45 -3.11
C GLY A 10 -2.30 -4.53 -2.07
N GLY A 1 -4.63 3.50 -5.17
CA GLY A 1 -4.54 3.75 -3.70
C GLY A 1 -3.37 3.04 -3.06
N TYR A 2 -2.30 3.78 -2.78
CA TYR A 2 -1.11 3.22 -2.17
C TYR A 2 -1.43 2.63 -0.80
N ASP A 3 -1.01 1.39 -0.59
CA ASP A 3 -1.22 0.70 0.67
C ASP A 3 -0.05 0.96 1.62
N PRO A 4 -0.23 1.84 2.62
CA PRO A 4 0.83 2.19 3.56
C PRO A 4 1.12 1.09 4.57
N ALA A 5 0.09 0.34 4.93
CA ALA A 5 0.25 -0.75 5.89
C ALA A 5 1.24 -1.79 5.37
N THR A 6 0.97 -2.31 4.19
CA THR A 6 1.82 -3.28 3.57
C THR A 6 2.99 -2.62 2.84
N GLY A 7 2.74 -1.40 2.35
CA GLY A 7 3.76 -0.66 1.65
C GLY A 7 3.88 -1.03 0.19
N THR A 8 2.75 -1.39 -0.41
CA THR A 8 2.68 -1.77 -1.77
C THR A 8 1.82 -0.76 -2.52
N PHE A 9 0.99 -1.28 -3.39
CA PHE A 9 0.10 -0.47 -4.20
C PHE A 9 -1.26 -1.13 -4.33
N GLY A 10 -1.46 -2.15 -3.55
CA GLY A 10 -2.71 -2.89 -3.57
C GLY A 10 -2.52 -4.34 -3.94
N GLY A 1 -5.24 4.65 -2.80
CA GLY A 1 -4.56 3.69 -3.73
C GLY A 1 -3.39 2.99 -3.09
N TYR A 2 -2.34 3.76 -2.80
CA TYR A 2 -1.13 3.21 -2.18
C TYR A 2 -1.45 2.62 -0.82
N ASP A 3 -1.02 1.38 -0.61
CA ASP A 3 -1.22 0.70 0.66
C ASP A 3 -0.05 0.97 1.60
N PRO A 4 -0.24 1.84 2.60
CA PRO A 4 0.83 2.20 3.55
C PRO A 4 1.13 1.09 4.55
N ALA A 5 0.12 0.34 4.92
CA ALA A 5 0.27 -0.75 5.88
C ALA A 5 1.25 -1.79 5.35
N THR A 6 0.95 -2.31 4.17
CA THR A 6 1.79 -3.30 3.55
C THR A 6 2.97 -2.63 2.83
N GLY A 7 2.74 -1.42 2.36
CA GLY A 7 3.78 -0.68 1.67
C GLY A 7 3.90 -1.04 0.21
N THR A 8 2.78 -1.38 -0.39
CA THR A 8 2.71 -1.74 -1.76
C THR A 8 1.83 -0.75 -2.50
N PHE A 9 1.00 -1.26 -3.36
CA PHE A 9 0.09 -0.46 -4.15
C PHE A 9 -1.27 -1.11 -4.26
N GLY A 10 -1.45 -2.14 -3.47
CA GLY A 10 -2.70 -2.86 -3.44
C GLY A 10 -2.87 -3.68 -2.18
N GLY A 1 -5.32 3.21 -3.74
CA GLY A 1 -3.97 3.78 -4.01
C GLY A 1 -2.86 3.04 -3.30
N TYR A 2 -1.81 3.76 -2.94
CA TYR A 2 -0.68 3.17 -2.24
C TYR A 2 -1.11 2.57 -0.92
N ASP A 3 -0.73 1.31 -0.69
CA ASP A 3 -1.05 0.62 0.54
C ASP A 3 0.02 0.90 1.58
N PRO A 4 -0.26 1.77 2.56
CA PRO A 4 0.72 2.14 3.60
C PRO A 4 0.98 1.03 4.61
N ALA A 5 -0.03 0.23 4.87
CA ALA A 5 0.08 -0.87 5.83
C ALA A 5 1.18 -1.84 5.41
N THR A 6 1.08 -2.32 4.17
CA THR A 6 2.06 -3.25 3.64
C THR A 6 3.15 -2.49 2.87
N GLY A 7 2.79 -1.31 2.37
CA GLY A 7 3.74 -0.51 1.63
C GLY A 7 3.78 -0.87 0.15
N THR A 8 2.64 -1.27 -0.39
CA THR A 8 2.51 -1.65 -1.74
C THR A 8 1.56 -0.69 -2.44
N PHE A 9 0.73 -1.24 -3.27
CA PHE A 9 -0.27 -0.49 -4.03
C PHE A 9 -1.63 -1.14 -3.97
N GLY A 10 -1.70 -2.16 -3.16
CA GLY A 10 -2.93 -2.90 -2.98
C GLY A 10 -2.75 -4.40 -3.19
N GLY A 1 -4.41 3.47 -5.31
CA GLY A 1 -4.33 3.76 -3.85
C GLY A 1 -3.17 3.04 -3.18
N TYR A 2 -2.12 3.79 -2.85
CA TYR A 2 -0.95 3.21 -2.21
C TYR A 2 -1.31 2.61 -0.85
N ASP A 3 -0.89 1.37 -0.64
CA ASP A 3 -1.14 0.67 0.61
C ASP A 3 -0.01 0.95 1.60
N PRO A 4 -0.23 1.82 2.59
CA PRO A 4 0.79 2.17 3.57
C PRO A 4 1.08 1.06 4.58
N ALA A 5 0.05 0.29 4.91
CA ALA A 5 0.19 -0.81 5.86
C ALA A 5 1.22 -1.80 5.37
N THR A 6 1.00 -2.32 4.17
CA THR A 6 1.90 -3.29 3.57
C THR A 6 3.03 -2.57 2.84
N GLY A 7 2.74 -1.37 2.36
CA GLY A 7 3.75 -0.59 1.66
C GLY A 7 3.85 -0.95 0.19
N THR A 8 2.72 -1.34 -0.38
CA THR A 8 2.64 -1.69 -1.76
C THR A 8 1.71 -0.73 -2.48
N PHE A 9 0.89 -1.28 -3.32
CA PHE A 9 -0.06 -0.51 -4.10
C PHE A 9 -1.40 -1.24 -4.22
N GLY A 10 -1.51 -2.28 -3.46
CA GLY A 10 -2.72 -3.09 -3.44
C GLY A 10 -3.77 -2.54 -2.50
N GLY A 1 -4.98 4.73 -3.10
CA GLY A 1 -4.50 3.52 -3.84
C GLY A 1 -3.31 2.86 -3.16
N TYR A 2 -2.28 3.65 -2.87
CA TYR A 2 -1.09 3.13 -2.23
C TYR A 2 -1.41 2.54 -0.86
N ASP A 3 -0.94 1.33 -0.63
CA ASP A 3 -1.17 0.65 0.63
C ASP A 3 -0.02 0.92 1.59
N PRO A 4 -0.21 1.80 2.59
CA PRO A 4 0.82 2.18 3.55
C PRO A 4 1.11 1.09 4.57
N ALA A 5 0.08 0.33 4.92
CA ALA A 5 0.23 -0.74 5.90
C ALA A 5 1.25 -1.77 5.41
N THR A 6 1.00 -2.31 4.21
CA THR A 6 1.88 -3.28 3.63
C THR A 6 3.02 -2.61 2.87
N GLY A 7 2.75 -1.41 2.37
CA GLY A 7 3.75 -0.66 1.65
C GLY A 7 3.83 -1.05 0.18
N THR A 8 2.69 -1.38 -0.38
CA THR A 8 2.59 -1.76 -1.75
C THR A 8 1.79 -0.71 -2.50
N PHE A 9 0.94 -1.17 -3.36
CA PHE A 9 0.08 -0.32 -4.16
C PHE A 9 -1.33 -0.88 -4.28
N GLY A 10 -1.58 -1.88 -3.48
CA GLY A 10 -2.87 -2.53 -3.48
C GLY A 10 -3.66 -2.26 -2.22
N GLY A 1 -4.32 3.92 -5.24
CA GLY A 1 -4.49 3.75 -3.76
C GLY A 1 -3.32 3.04 -3.12
N TYR A 2 -2.27 3.79 -2.80
CA TYR A 2 -1.08 3.23 -2.19
C TYR A 2 -1.41 2.64 -0.82
N ASP A 3 -0.98 1.39 -0.61
CA ASP A 3 -1.21 0.71 0.65
C ASP A 3 -0.04 0.96 1.60
N PRO A 4 -0.24 1.84 2.60
CA PRO A 4 0.82 2.20 3.56
C PRO A 4 1.11 1.08 4.56
N ALA A 5 0.08 0.33 4.92
CA ALA A 5 0.24 -0.76 5.87
C ALA A 5 1.23 -1.80 5.36
N THR A 6 0.96 -2.30 4.15
CA THR A 6 1.81 -3.29 3.53
C THR A 6 2.99 -2.62 2.83
N GLY A 7 2.76 -1.40 2.35
CA GLY A 7 3.80 -0.65 1.67
C GLY A 7 3.91 -1.01 0.20
N THR A 8 2.79 -1.36 -0.39
CA THR A 8 2.72 -1.72 -1.77
C THR A 8 1.80 -0.74 -2.49
N PHE A 9 0.98 -1.29 -3.34
CA PHE A 9 0.03 -0.51 -4.12
C PHE A 9 -1.32 -1.20 -4.20
N GLY A 10 -1.44 -2.25 -3.43
CA GLY A 10 -2.67 -3.02 -3.39
C GLY A 10 -2.49 -4.42 -3.97
N GLY A 1 -5.48 3.47 -3.25
CA GLY A 1 -4.20 3.60 -4.02
C GLY A 1 -3.05 2.91 -3.32
N TYR A 2 -2.05 3.70 -2.93
CA TYR A 2 -0.87 3.15 -2.25
C TYR A 2 -1.25 2.54 -0.91
N ASP A 3 -0.81 1.31 -0.68
CA ASP A 3 -1.08 0.61 0.56
C ASP A 3 0.03 0.91 1.58
N PRO A 4 -0.24 1.77 2.57
CA PRO A 4 0.75 2.16 3.57
C PRO A 4 1.03 1.06 4.60
N ALA A 5 0.01 0.26 4.89
CA ALA A 5 0.14 -0.82 5.87
C ALA A 5 1.22 -1.80 5.44
N THR A 6 1.09 -2.31 4.23
CA THR A 6 2.03 -3.27 3.68
C THR A 6 3.12 -2.54 2.89
N GLY A 7 2.78 -1.35 2.38
CA GLY A 7 3.73 -0.57 1.62
C GLY A 7 3.77 -0.98 0.15
N THR A 8 2.62 -1.35 -0.37
CA THR A 8 2.48 -1.75 -1.72
C THR A 8 1.67 -0.71 -2.49
N PHE A 9 0.79 -1.18 -3.31
CA PHE A 9 -0.08 -0.33 -4.11
C PHE A 9 -1.46 -0.93 -4.27
N GLY A 10 -1.70 -1.96 -3.50
CA GLY A 10 -2.97 -2.65 -3.54
C GLY A 10 -2.87 -4.05 -4.09
N GLY A 1 -4.10 4.49 -4.96
CA GLY A 1 -4.50 3.66 -3.78
C GLY A 1 -3.32 2.96 -3.13
N TYR A 2 -2.28 3.74 -2.83
CA TYR A 2 -1.09 3.19 -2.20
C TYR A 2 -1.41 2.60 -0.83
N ASP A 3 -0.97 1.37 -0.62
CA ASP A 3 -1.19 0.68 0.65
C ASP A 3 -0.03 0.95 1.61
N PRO A 4 -0.23 1.82 2.60
CA PRO A 4 0.82 2.18 3.56
C PRO A 4 1.12 1.08 4.57
N ALA A 5 0.09 0.33 4.93
CA ALA A 5 0.23 -0.76 5.89
C ALA A 5 1.24 -1.78 5.39
N THR A 6 0.99 -2.31 4.20
CA THR A 6 1.85 -3.29 3.59
C THR A 6 3.00 -2.60 2.86
N GLY A 7 2.74 -1.40 2.36
CA GLY A 7 3.76 -0.65 1.65
C GLY A 7 3.86 -1.02 0.19
N THR A 8 2.73 -1.38 -0.40
CA THR A 8 2.65 -1.75 -1.76
C THR A 8 1.80 -0.74 -2.51
N PHE A 9 0.96 -1.24 -3.37
CA PHE A 9 0.08 -0.42 -4.18
C PHE A 9 -1.31 -1.04 -4.31
N GLY A 10 -1.51 -2.07 -3.53
CA GLY A 10 -2.78 -2.78 -3.53
C GLY A 10 -2.84 -3.84 -2.45
N GLY A 1 -4.89 2.69 -5.33
CA GLY A 1 -4.19 3.58 -4.35
C GLY A 1 -3.10 2.85 -3.60
N TYR A 2 -2.21 3.62 -2.97
CA TYR A 2 -1.12 3.05 -2.21
C TYR A 2 -1.62 2.38 -0.94
N ASP A 3 -0.87 1.40 -0.48
CA ASP A 3 -1.20 0.68 0.73
C ASP A 3 -0.09 0.83 1.77
N PRO A 4 -0.07 1.97 2.48
CA PRO A 4 0.96 2.24 3.50
C PRO A 4 1.10 1.11 4.51
N ALA A 5 0.03 0.36 4.72
CA ALA A 5 0.03 -0.74 5.68
C ALA A 5 1.06 -1.80 5.29
N THR A 6 0.95 -2.30 4.06
CA THR A 6 1.86 -3.30 3.55
C THR A 6 3.06 -2.65 2.86
N GLY A 7 2.85 -1.44 2.37
CA GLY A 7 3.91 -0.72 1.69
C GLY A 7 3.97 -1.03 0.21
N THR A 8 2.82 -1.33 -0.37
CA THR A 8 2.72 -1.65 -1.74
C THR A 8 1.78 -0.65 -2.42
N PHE A 9 0.93 -1.17 -3.25
CA PHE A 9 -0.04 -0.37 -3.98
C PHE A 9 -1.40 -1.02 -3.99
N GLY A 10 -1.52 -2.05 -3.19
CA GLY A 10 -2.76 -2.79 -3.08
C GLY A 10 -3.63 -2.29 -1.94
#